data_3FG2
#
_entry.id   3FG2
#
_cell.length_a   107.538
_cell.length_b   107.538
_cell.length_c   69.908
_cell.angle_alpha   90.00
_cell.angle_beta   90.00
_cell.angle_gamma   120.00
#
_symmetry.space_group_name_H-M   'P 32 2 1'
#
loop_
_entity.id
_entity.type
_entity.pdbx_description
1 polymer 'Putative rubredoxin reductase'
2 non-polymer 'FLAVIN-ADENINE DINUCLEOTIDE'
3 non-polymer GLYCEROL
4 water water
#
_entity_poly.entity_id   1
_entity_poly.type   'polypeptide(L)'
_entity_poly.pdbx_seq_one_letter_code
;NDTVLIAGAGHAGFQVAVSLRQAKYPGRIALINDEKHLPYQRPPLSKAYLKSGGDPNSLMFRPEKFFQDQAIELISDRMV
SIDREGRKLLLASGTAIEYGHLVLATGARNRMLDVPNASLPDVLYLRTLDESEVLRQRMPDKKHVVVIGAGFIGLEFAAT
ARAKGLEVDVVELAPRVMARVVTPEISSYFHDRHSGAGIRMHYGVRATEIAAEGDRVTGVVLSDGNTLPCDLVVVGVGVI
PNVEIAAAAGLPTAAGIIVDQQLLTSDPHISAIGDCALFESVRFGETMRVESVQNATDQARCVAARLTGDAKPYDGYPWF
WSDQGDDKLQIVGLTAGFDQVVIRGSVAERSFSAFCYKAGKLIGIESVNRAADHVFGRKILPLDKSVTPEQAADLSFDLK
KAAA
;
_entity_poly.pdbx_strand_id   P
#
# COMPACT_ATOMS: atom_id res chain seq x y z
N ASN A 1 18.35 -23.79 15.34
CA ASN A 1 18.69 -23.71 13.88
C ASN A 1 19.27 -22.34 13.54
N ASP A 2 19.86 -22.23 12.35
CA ASP A 2 20.48 -20.98 11.91
C ASP A 2 19.70 -20.30 10.78
N THR A 3 18.90 -21.08 10.07
CA THR A 3 18.12 -20.58 8.95
C THR A 3 17.05 -19.53 9.31
N VAL A 4 16.89 -18.57 8.41
CA VAL A 4 15.89 -17.51 8.57
C VAL A 4 14.87 -17.73 7.49
N LEU A 5 13.63 -18.01 7.89
CA LEU A 5 12.56 -18.26 6.94
C LEU A 5 11.68 -17.02 6.76
N ILE A 6 11.53 -16.60 5.50
CA ILE A 6 10.70 -15.43 5.20
C ILE A 6 9.45 -15.91 4.48
N ALA A 7 8.30 -15.62 5.08
CA ALA A 7 6.99 -15.99 4.54
C ALA A 7 6.36 -14.79 3.84
N GLY A 8 6.40 -14.80 2.51
CA GLY A 8 5.86 -13.69 1.75
C GLY A 8 7.03 -13.04 1.02
N ALA A 9 6.96 -12.98 -0.30
CA ALA A 9 8.04 -12.40 -1.09
C ALA A 9 7.63 -11.15 -1.88
N GLY A 10 6.99 -10.22 -1.19
CA GLY A 10 6.58 -8.97 -1.81
C GLY A 10 7.65 -7.94 -1.41
N HIS A 11 7.29 -6.67 -1.31
CA HIS A 11 8.28 -5.67 -0.95
C HIS A 11 9.05 -6.00 0.33
N ALA A 12 8.35 -6.16 1.45
CA ALA A 12 9.01 -6.46 2.72
C ALA A 12 9.79 -7.79 2.73
N GLY A 13 9.18 -8.85 2.20
CA GLY A 13 9.85 -10.13 2.16
C GLY A 13 11.15 -10.09 1.39
N PHE A 14 11.10 -9.51 0.20
CA PHE A 14 12.28 -9.40 -0.65
C PHE A 14 13.35 -8.53 0.00
N GLN A 15 12.94 -7.39 0.55
CA GLN A 15 13.87 -6.46 1.19
C GLN A 15 14.60 -7.02 2.40
N VAL A 16 13.89 -7.74 3.26
CA VAL A 16 14.55 -8.30 4.44
C VAL A 16 15.58 -9.34 4.00
N ALA A 17 15.25 -10.11 2.95
CA ALA A 17 16.18 -11.11 2.45
C ALA A 17 17.45 -10.41 1.99
N VAL A 18 17.28 -9.42 1.13
CA VAL A 18 18.40 -8.66 0.59
C VAL A 18 19.19 -7.94 1.68
N SER A 19 18.50 -7.20 2.54
CA SER A 19 19.18 -6.47 3.61
C SER A 19 19.91 -7.40 4.56
N LEU A 20 19.38 -8.61 4.69
CA LEU A 20 19.98 -9.60 5.57
C LEU A 20 21.36 -9.95 5.01
N ARG A 21 21.42 -10.19 3.70
CA ARG A 21 22.68 -10.53 3.04
C ARG A 21 23.66 -9.36 3.05
N GLN A 22 23.18 -8.18 2.71
CA GLN A 22 24.05 -7.00 2.71
C GLN A 22 24.76 -6.90 4.04
N ALA A 23 24.04 -7.21 5.12
CA ALA A 23 24.60 -7.15 6.46
C ALA A 23 25.43 -8.40 6.78
N LYS A 24 25.73 -9.17 5.74
CA LYS A 24 26.54 -10.38 5.88
C LYS A 24 26.00 -11.45 6.85
N TYR A 25 24.71 -11.73 6.77
CA TYR A 25 24.13 -12.76 7.64
C TYR A 25 24.71 -14.09 7.18
N PRO A 26 25.28 -14.88 8.10
CA PRO A 26 25.88 -16.18 7.77
C PRO A 26 24.90 -17.33 7.51
N GLY A 27 23.81 -17.35 8.27
CA GLY A 27 22.82 -18.41 8.12
C GLY A 27 22.16 -18.54 6.77
N ARG A 28 21.27 -19.53 6.67
CA ARG A 28 20.52 -19.82 5.46
C ARG A 28 19.32 -18.87 5.37
N ILE A 29 18.91 -18.54 4.15
CA ILE A 29 17.77 -17.65 3.94
C ILE A 29 16.81 -18.19 2.88
N ALA A 30 15.63 -18.61 3.34
CA ALA A 30 14.61 -19.16 2.45
C ALA A 30 13.45 -18.18 2.31
N LEU A 31 13.13 -17.83 1.07
CA LEU A 31 12.06 -16.87 0.79
C LEU A 31 10.85 -17.59 0.18
N ILE A 32 9.83 -17.83 0.98
CA ILE A 32 8.62 -18.51 0.50
C ILE A 32 7.75 -17.56 -0.34
N ASN A 33 7.62 -17.88 -1.61
CA ASN A 33 6.86 -17.05 -2.54
C ASN A 33 5.64 -17.79 -3.10
N ASP A 34 4.43 -17.41 -2.68
CA ASP A 34 3.22 -18.08 -3.12
C ASP A 34 2.60 -17.55 -4.42
N GLU A 35 3.36 -16.81 -5.21
CA GLU A 35 2.84 -16.30 -6.47
C GLU A 35 3.71 -16.78 -7.62
N LYS A 36 3.08 -17.05 -8.76
CA LYS A 36 3.79 -17.52 -9.95
C LYS A 36 4.56 -16.40 -10.63
N HIS A 37 5.32 -15.65 -9.83
CA HIS A 37 6.12 -14.56 -10.38
C HIS A 37 7.34 -14.33 -9.51
N LEU A 38 8.41 -13.85 -10.13
CA LEU A 38 9.60 -13.54 -9.37
C LEU A 38 9.13 -12.36 -8.53
N PRO A 39 9.70 -12.18 -7.32
CA PRO A 39 9.28 -11.06 -6.48
C PRO A 39 9.13 -9.80 -7.35
N TYR A 40 8.00 -9.10 -7.22
CA TYR A 40 7.78 -7.93 -8.05
C TYR A 40 7.26 -6.67 -7.33
N GLN A 41 7.30 -5.55 -8.05
CA GLN A 41 6.86 -4.26 -7.54
C GLN A 41 5.34 -4.09 -7.66
N ARG A 42 4.74 -3.50 -6.63
CA ARG A 42 3.30 -3.25 -6.60
C ARG A 42 2.86 -1.91 -7.18
N PRO A 43 3.55 -0.82 -6.81
CA PRO A 43 3.20 0.52 -7.31
C PRO A 43 2.84 0.65 -8.78
N PRO A 44 3.62 0.03 -9.68
CA PRO A 44 3.32 0.13 -11.12
C PRO A 44 2.03 -0.58 -11.55
N LEU A 45 1.52 -1.47 -10.71
CA LEU A 45 0.31 -2.24 -11.03
C LEU A 45 -0.94 -1.43 -11.37
N SER A 46 -1.12 -0.30 -10.73
CA SER A 46 -2.28 0.56 -10.97
C SER A 46 -1.82 1.81 -11.70
N LYS A 47 -0.59 1.78 -12.19
CA LYS A 47 -0.03 2.92 -12.89
C LYS A 47 0.47 2.53 -14.29
N ALA A 48 1.75 2.79 -14.56
CA ALA A 48 2.36 2.48 -15.84
C ALA A 48 1.99 1.13 -16.43
N TYR A 49 2.05 0.07 -15.62
CA TYR A 49 1.73 -1.26 -16.14
C TYR A 49 0.43 -1.32 -16.94
N LEU A 50 -0.64 -0.73 -16.41
CA LEU A 50 -1.93 -0.71 -17.09
C LEU A 50 -1.82 -0.08 -18.48
N LYS A 51 -0.71 0.60 -18.74
CA LYS A 51 -0.51 1.26 -20.03
C LYS A 51 0.56 0.58 -20.86
N SER A 52 1.22 -0.43 -20.30
CA SER A 52 2.29 -1.13 -21.01
C SER A 52 1.73 -2.19 -21.94
N GLY A 53 2.64 -2.98 -22.50
CA GLY A 53 2.22 -4.05 -23.39
C GLY A 53 2.07 -5.33 -22.60
N GLY A 54 2.22 -5.23 -21.28
CA GLY A 54 2.08 -6.39 -20.42
C GLY A 54 3.29 -7.31 -20.42
N ASP A 55 4.48 -6.74 -20.30
CA ASP A 55 5.69 -7.54 -20.28
C ASP A 55 5.70 -8.38 -19.00
N PRO A 56 5.62 -9.71 -19.14
CA PRO A 56 5.59 -10.70 -18.06
C PRO A 56 6.31 -10.33 -16.77
N ASN A 57 7.63 -10.12 -16.86
CA ASN A 57 8.40 -9.78 -15.67
C ASN A 57 9.11 -8.43 -15.78
N SER A 58 8.35 -7.40 -16.14
CA SER A 58 8.90 -6.06 -16.26
C SER A 58 8.82 -5.34 -14.91
N LEU A 59 8.18 -6.00 -13.95
CA LEU A 59 8.00 -5.44 -12.61
C LEU A 59 8.86 -6.16 -11.56
N MET A 60 9.60 -7.18 -11.98
CA MET A 60 10.45 -7.94 -11.07
C MET A 60 11.45 -7.03 -10.32
N PHE A 61 11.69 -7.32 -9.06
CA PHE A 61 12.65 -6.52 -8.27
C PHE A 61 14.02 -6.73 -8.88
N ARG A 62 14.47 -7.98 -8.88
CA ARG A 62 15.76 -8.37 -9.45
C ARG A 62 15.51 -9.59 -10.33
N PRO A 63 16.42 -9.88 -11.25
CA PRO A 63 16.22 -11.06 -12.11
C PRO A 63 16.49 -12.36 -11.35
N GLU A 64 16.03 -13.47 -11.94
CA GLU A 64 16.19 -14.79 -11.33
C GLU A 64 17.59 -15.10 -10.82
N LYS A 65 18.60 -14.79 -11.63
CA LYS A 65 19.99 -15.04 -11.25
C LYS A 65 20.42 -14.37 -9.95
N PHE A 66 19.74 -13.29 -9.58
CA PHE A 66 20.07 -12.55 -8.37
C PHE A 66 19.97 -13.40 -7.10
N PHE A 67 18.86 -14.12 -6.94
CA PHE A 67 18.66 -14.93 -5.76
C PHE A 67 19.70 -16.04 -5.59
N GLN A 68 20.24 -16.51 -6.70
CA GLN A 68 21.24 -17.57 -6.67
C GLN A 68 22.58 -16.97 -6.21
N ASP A 69 22.96 -15.85 -6.83
CA ASP A 69 24.21 -15.18 -6.48
C ASP A 69 24.20 -14.69 -5.04
N GLN A 70 23.00 -14.46 -4.49
CA GLN A 70 22.85 -13.96 -3.14
C GLN A 70 22.62 -15.04 -2.09
N ALA A 71 22.53 -16.29 -2.53
CA ALA A 71 22.30 -17.41 -1.62
C ALA A 71 20.95 -17.27 -0.93
N ILE A 72 20.00 -16.65 -1.63
CA ILE A 72 18.64 -16.50 -1.10
C ILE A 72 17.79 -17.56 -1.77
N GLU A 73 17.41 -18.57 -1.00
CA GLU A 73 16.62 -19.67 -1.52
C GLU A 73 15.18 -19.25 -1.81
N LEU A 74 14.85 -19.16 -3.10
CA LEU A 74 13.51 -18.76 -3.52
C LEU A 74 12.62 -19.98 -3.70
N ILE A 75 11.75 -20.24 -2.71
CA ILE A 75 10.86 -21.39 -2.75
C ILE A 75 9.46 -21.06 -3.26
N SER A 76 9.10 -21.66 -4.38
CA SER A 76 7.78 -21.44 -4.96
C SER A 76 6.72 -22.26 -4.21
N ASP A 77 6.29 -21.76 -3.06
CA ASP A 77 5.29 -22.45 -2.24
C ASP A 77 4.50 -21.46 -1.38
N ARG A 78 3.80 -21.97 -0.37
CA ARG A 78 3.00 -21.14 0.52
C ARG A 78 2.96 -21.74 1.93
N MET A 79 3.11 -20.91 2.96
CA MET A 79 3.04 -21.43 4.32
C MET A 79 1.57 -21.54 4.69
N VAL A 80 1.21 -22.60 5.41
CA VAL A 80 -0.16 -22.82 5.82
C VAL A 80 -0.30 -22.98 7.33
N SER A 81 0.80 -23.34 7.98
CA SER A 81 0.80 -23.56 9.42
C SER A 81 2.17 -23.27 10.05
N ILE A 82 2.17 -22.95 11.34
CA ILE A 82 3.41 -22.67 12.04
C ILE A 82 3.52 -23.47 13.34
N ASP A 83 4.56 -24.29 13.45
CA ASP A 83 4.78 -25.09 14.66
C ASP A 83 5.81 -24.34 15.50
N ARG A 84 5.33 -23.41 16.32
CA ARG A 84 6.21 -22.62 17.16
C ARG A 84 7.07 -23.48 18.08
N GLU A 85 6.46 -24.46 18.74
CA GLU A 85 7.20 -25.32 19.65
C GLU A 85 8.32 -26.06 18.93
N GLY A 86 8.02 -26.63 17.77
CA GLY A 86 9.03 -27.36 17.02
C GLY A 86 9.80 -26.46 16.08
N ARG A 87 9.50 -25.17 16.14
CA ARG A 87 10.14 -24.16 15.29
C ARG A 87 10.23 -24.64 13.85
N LYS A 88 9.10 -25.16 13.36
CA LYS A 88 9.02 -25.67 11.99
C LYS A 88 7.92 -24.94 11.23
N LEU A 89 8.20 -24.69 9.96
CA LEU A 89 7.28 -23.99 9.06
C LEU A 89 6.65 -25.03 8.16
N LEU A 90 5.34 -25.16 8.26
CA LEU A 90 4.58 -26.13 7.48
C LEU A 90 4.05 -25.52 6.18
N LEU A 91 4.61 -25.93 5.05
CA LEU A 91 4.18 -25.39 3.77
C LEU A 91 2.93 -26.13 3.28
N ALA A 92 2.39 -25.69 2.13
CA ALA A 92 1.20 -26.29 1.56
C ALA A 92 1.55 -27.50 0.68
N SER A 93 2.78 -27.52 0.16
CA SER A 93 3.23 -28.61 -0.69
C SER A 93 3.37 -29.87 0.15
N GLY A 94 3.18 -29.73 1.45
CA GLY A 94 3.30 -30.87 2.35
C GLY A 94 4.66 -30.84 3.03
N THR A 95 5.61 -30.18 2.38
CA THR A 95 6.96 -30.06 2.91
C THR A 95 6.93 -29.30 4.23
N ALA A 96 8.04 -29.33 4.96
CA ALA A 96 8.14 -28.65 6.24
C ALA A 96 9.59 -28.22 6.41
N ILE A 97 9.81 -27.10 7.10
CA ILE A 97 11.16 -26.61 7.30
C ILE A 97 11.40 -26.09 8.70
N GLU A 98 12.59 -26.33 9.22
CA GLU A 98 12.95 -25.85 10.56
C GLU A 98 13.50 -24.44 10.35
N TYR A 99 13.32 -23.58 11.35
CA TYR A 99 13.83 -22.24 11.22
C TYR A 99 14.48 -21.76 12.51
N GLY A 100 15.44 -20.86 12.38
CA GLY A 100 16.10 -20.29 13.53
C GLY A 100 15.22 -19.11 13.92
N HIS A 101 14.92 -18.29 12.91
CA HIS A 101 14.05 -17.14 13.10
C HIS A 101 13.09 -17.07 11.90
N LEU A 102 11.82 -16.81 12.21
CA LEU A 102 10.78 -16.72 11.19
C LEU A 102 10.32 -15.28 10.97
N VAL A 103 10.34 -14.84 9.71
CA VAL A 103 9.91 -13.50 9.37
C VAL A 103 8.59 -13.54 8.58
N LEU A 104 7.55 -12.95 9.15
CA LEU A 104 6.23 -12.91 8.50
C LEU A 104 6.08 -11.62 7.71
N ALA A 105 5.93 -11.76 6.40
CA ALA A 105 5.77 -10.63 5.50
C ALA A 105 4.70 -11.03 4.49
N THR A 106 3.57 -11.45 5.04
CA THR A 106 2.42 -11.93 4.28
C THR A 106 1.55 -10.84 3.69
N GLY A 107 1.85 -9.59 4.00
CA GLY A 107 1.08 -8.48 3.48
C GLY A 107 -0.40 -8.56 3.82
N ALA A 108 -1.23 -8.05 2.91
CA ALA A 108 -2.68 -8.04 3.10
C ALA A 108 -3.38 -8.40 1.79
N ARG A 109 -4.60 -8.92 1.89
CA ARG A 109 -5.37 -9.33 0.72
C ARG A 109 -6.61 -8.46 0.49
N ASN A 110 -7.21 -8.61 -0.69
CA ASN A 110 -8.42 -7.86 -1.05
C ASN A 110 -9.55 -8.20 -0.08
N ARG A 111 -10.38 -7.21 0.22
CA ARG A 111 -11.55 -7.44 1.06
C ARG A 111 -12.68 -7.61 0.05
N MET A 112 -13.28 -8.79 0.01
CA MET A 112 -14.34 -9.06 -0.95
C MET A 112 -15.57 -8.16 -0.84
N LEU A 113 -16.08 -7.73 -1.99
CA LEU A 113 -17.28 -6.90 -2.01
C LEU A 113 -18.41 -7.82 -1.56
N ASP A 114 -19.03 -7.49 -0.43
CA ASP A 114 -20.12 -8.30 0.13
C ASP A 114 -21.49 -7.88 -0.40
N VAL A 115 -21.69 -8.06 -1.70
CA VAL A 115 -22.94 -7.67 -2.34
C VAL A 115 -23.42 -8.71 -3.33
N PRO A 116 -24.74 -8.80 -3.55
CA PRO A 116 -25.28 -9.79 -4.50
C PRO A 116 -24.60 -9.68 -5.87
N ASN A 117 -24.29 -10.84 -6.46
CA ASN A 117 -23.63 -10.89 -7.76
C ASN A 117 -22.24 -10.26 -7.80
N ALA A 118 -21.70 -9.92 -6.63
CA ALA A 118 -20.38 -9.30 -6.56
C ALA A 118 -19.27 -10.20 -7.11
N SER A 119 -19.55 -11.48 -7.22
CA SER A 119 -18.57 -12.43 -7.72
C SER A 119 -18.70 -12.80 -9.20
N LEU A 120 -19.47 -12.03 -9.97
CA LEU A 120 -19.59 -12.31 -11.39
C LEU A 120 -18.23 -12.07 -12.04
N PRO A 121 -17.98 -12.65 -13.21
CA PRO A 121 -16.70 -12.51 -13.90
C PRO A 121 -16.17 -11.08 -14.10
N ASP A 122 -17.07 -10.15 -14.42
CA ASP A 122 -16.66 -8.77 -14.67
C ASP A 122 -16.54 -7.85 -13.46
N VAL A 123 -16.41 -8.43 -12.28
CA VAL A 123 -16.21 -7.67 -11.05
C VAL A 123 -14.77 -8.01 -10.64
N LEU A 124 -13.85 -7.12 -10.98
CA LEU A 124 -12.43 -7.34 -10.74
C LEU A 124 -11.78 -6.53 -9.63
N TYR A 125 -10.69 -7.08 -9.10
CA TYR A 125 -9.92 -6.42 -8.05
C TYR A 125 -8.61 -5.96 -8.69
N LEU A 126 -7.82 -5.18 -7.95
CA LEU A 126 -6.56 -4.66 -8.48
C LEU A 126 -5.46 -4.53 -7.41
N ARG A 127 -4.77 -5.64 -7.14
CA ARG A 127 -3.70 -5.64 -6.14
C ARG A 127 -2.51 -6.54 -6.51
N THR A 128 -2.76 -7.57 -7.31
CA THR A 128 -1.71 -8.51 -7.71
C THR A 128 -1.38 -8.33 -9.20
N LEU A 129 -0.20 -8.81 -9.61
CA LEU A 129 0.20 -8.69 -11.01
C LEU A 129 -0.88 -9.33 -11.87
N ASP A 130 -1.27 -10.56 -11.53
CA ASP A 130 -2.30 -11.27 -12.29
C ASP A 130 -3.54 -10.41 -12.49
N GLU A 131 -4.05 -9.84 -11.41
CA GLU A 131 -5.24 -9.00 -11.48
C GLU A 131 -5.02 -7.78 -12.34
N SER A 132 -3.82 -7.22 -12.29
CA SER A 132 -3.52 -6.06 -13.10
C SER A 132 -3.51 -6.44 -14.59
N GLU A 133 -2.95 -7.60 -14.89
CA GLU A 133 -2.87 -8.07 -16.28
C GLU A 133 -4.24 -8.35 -16.90
N VAL A 134 -5.15 -8.94 -16.13
CA VAL A 134 -6.48 -9.24 -16.67
C VAL A 134 -7.22 -7.93 -16.94
N LEU A 135 -7.07 -6.97 -16.03
CA LEU A 135 -7.73 -5.69 -16.19
C LEU A 135 -7.19 -4.98 -17.42
N ARG A 136 -5.87 -5.09 -17.63
CA ARG A 136 -5.21 -4.48 -18.77
C ARG A 136 -5.80 -5.02 -20.08
N GLN A 137 -6.04 -6.33 -20.12
CA GLN A 137 -6.59 -6.98 -21.30
C GLN A 137 -8.11 -6.81 -21.43
N ARG A 138 -8.79 -6.60 -20.30
CA ARG A 138 -10.24 -6.46 -20.29
C ARG A 138 -10.78 -5.09 -20.71
N MET A 139 -10.07 -4.02 -20.37
CA MET A 139 -10.51 -2.67 -20.68
C MET A 139 -10.81 -2.38 -22.15
N PRO A 140 -9.98 -2.90 -23.07
CA PRO A 140 -10.23 -2.65 -24.50
C PRO A 140 -11.58 -3.21 -25.02
N ASP A 141 -12.12 -4.20 -24.32
CA ASP A 141 -13.39 -4.81 -24.70
C ASP A 141 -14.53 -4.28 -23.84
N LYS A 142 -14.26 -3.23 -23.08
CA LYS A 142 -15.28 -2.65 -22.21
C LYS A 142 -15.50 -1.16 -22.48
N LYS A 143 -16.75 -0.73 -22.32
CA LYS A 143 -17.12 0.66 -22.57
C LYS A 143 -17.37 1.50 -21.33
N HIS A 144 -17.77 0.86 -20.24
CA HIS A 144 -18.14 1.62 -19.06
C HIS A 144 -17.80 0.90 -17.75
N VAL A 145 -16.89 1.48 -16.96
CA VAL A 145 -16.52 0.86 -15.70
C VAL A 145 -16.91 1.69 -14.47
N VAL A 146 -17.42 1.02 -13.45
CA VAL A 146 -17.77 1.72 -12.21
C VAL A 146 -16.68 1.35 -11.22
N VAL A 147 -16.02 2.36 -10.65
CA VAL A 147 -14.96 2.12 -9.68
C VAL A 147 -15.52 2.34 -8.27
N ILE A 148 -15.56 1.28 -7.47
CA ILE A 148 -16.07 1.37 -6.11
C ILE A 148 -14.88 1.49 -5.17
N GLY A 149 -14.76 2.66 -4.55
CA GLY A 149 -13.65 2.89 -3.62
C GLY A 149 -12.74 3.99 -4.15
N ALA A 150 -12.84 5.17 -3.55
CA ALA A 150 -12.02 6.31 -3.99
C ALA A 150 -10.68 6.40 -3.28
N GLY A 151 -10.03 5.25 -3.09
CA GLY A 151 -8.73 5.26 -2.45
C GLY A 151 -7.70 5.55 -3.52
N PHE A 152 -6.43 5.57 -3.16
CA PHE A 152 -5.37 5.85 -4.13
C PHE A 152 -5.46 4.98 -5.37
N ILE A 153 -5.49 3.67 -5.16
CA ILE A 153 -5.54 2.73 -6.26
C ILE A 153 -6.71 2.96 -7.19
N GLY A 154 -7.91 3.09 -6.62
CA GLY A 154 -9.08 3.31 -7.42
C GLY A 154 -8.96 4.51 -8.36
N LEU A 155 -8.42 5.61 -7.86
CA LEU A 155 -8.28 6.81 -8.68
C LEU A 155 -7.15 6.71 -9.69
N GLU A 156 -6.07 6.06 -9.30
CA GLU A 156 -4.95 5.88 -10.21
C GLU A 156 -5.49 5.08 -11.40
N PHE A 157 -6.34 4.11 -11.12
CA PHE A 157 -6.93 3.29 -12.17
C PHE A 157 -7.93 4.10 -12.99
N ALA A 158 -8.85 4.77 -12.29
CA ALA A 158 -9.87 5.57 -12.96
C ALA A 158 -9.34 6.53 -14.02
N ALA A 159 -8.25 7.21 -13.71
CA ALA A 159 -7.69 8.15 -14.68
C ALA A 159 -7.23 7.41 -15.93
N THR A 160 -6.57 6.28 -15.74
CA THR A 160 -6.08 5.52 -16.87
C THR A 160 -7.22 4.93 -17.70
N ALA A 161 -8.23 4.37 -17.04
CA ALA A 161 -9.37 3.80 -17.76
C ALA A 161 -10.02 4.93 -18.59
N ARG A 162 -10.12 6.10 -17.98
CA ARG A 162 -10.71 7.23 -18.66
C ARG A 162 -9.85 7.64 -19.85
N ALA A 163 -8.55 7.66 -19.63
CA ALA A 163 -7.60 8.03 -20.67
C ALA A 163 -7.69 7.07 -21.84
N LYS A 164 -8.08 5.83 -21.56
CA LYS A 164 -8.22 4.82 -22.61
C LYS A 164 -9.57 4.89 -23.30
N GLY A 165 -10.36 5.90 -22.97
CA GLY A 165 -11.65 6.04 -23.61
C GLY A 165 -12.87 5.44 -22.92
N LEU A 166 -12.67 4.72 -21.82
CA LEU A 166 -13.81 4.14 -21.13
C LEU A 166 -14.58 5.19 -20.35
N GLU A 167 -15.85 4.91 -20.14
CA GLU A 167 -16.70 5.80 -19.37
C GLU A 167 -16.37 5.42 -17.93
N VAL A 168 -16.20 6.41 -17.06
CA VAL A 168 -15.85 6.10 -15.68
C VAL A 168 -16.70 6.76 -14.61
N ASP A 169 -17.21 5.94 -13.70
CA ASP A 169 -17.99 6.41 -12.57
C ASP A 169 -17.35 5.87 -11.29
N VAL A 170 -17.08 6.78 -10.36
CA VAL A 170 -16.45 6.42 -9.09
C VAL A 170 -17.45 6.51 -7.94
N VAL A 171 -17.62 5.39 -7.24
CA VAL A 171 -18.53 5.29 -6.12
C VAL A 171 -17.79 5.28 -4.77
N GLU A 172 -18.01 6.31 -3.97
CA GLU A 172 -17.39 6.44 -2.65
C GLU A 172 -18.45 6.69 -1.58
N LEU A 173 -18.34 6.00 -0.45
CA LEU A 173 -19.31 6.16 0.63
C LEU A 173 -19.10 7.47 1.40
N ALA A 174 -17.85 7.89 1.52
CA ALA A 174 -17.53 9.13 2.21
C ALA A 174 -17.89 10.34 1.35
N PRO A 175 -17.95 11.53 1.97
CA PRO A 175 -18.29 12.76 1.24
C PRO A 175 -17.19 13.27 0.31
N ARG A 176 -16.00 12.68 0.38
CA ARG A 176 -14.87 13.09 -0.47
C ARG A 176 -13.92 11.92 -0.71
N VAL A 177 -13.09 12.03 -1.73
CA VAL A 177 -12.15 10.97 -2.07
C VAL A 177 -10.94 10.88 -1.13
N MET A 178 -10.37 9.68 -1.04
CA MET A 178 -9.21 9.44 -0.20
C MET A 178 -9.43 9.90 1.25
N ALA A 179 -10.67 9.88 1.71
CA ALA A 179 -11.02 10.34 3.06
C ALA A 179 -10.22 9.69 4.19
N ARG A 180 -9.76 8.47 3.94
CA ARG A 180 -8.99 7.73 4.92
C ARG A 180 -7.52 8.15 4.99
N VAL A 181 -7.04 8.85 3.95
CA VAL A 181 -5.63 9.21 3.91
C VAL A 181 -5.17 10.65 3.64
N VAL A 182 -6.05 11.52 3.15
CA VAL A 182 -5.64 12.91 2.88
C VAL A 182 -6.64 13.91 3.44
N THR A 183 -6.21 15.17 3.58
CA THR A 183 -7.10 16.21 4.09
C THR A 183 -7.98 16.76 2.96
N PRO A 184 -9.11 17.41 3.30
CA PRO A 184 -10.04 17.98 2.31
C PRO A 184 -9.49 18.75 1.11
N GLU A 185 -8.45 19.57 1.33
CA GLU A 185 -7.89 20.34 0.23
C GLU A 185 -7.33 19.44 -0.87
N ILE A 186 -6.82 18.27 -0.50
CA ILE A 186 -6.29 17.34 -1.48
C ILE A 186 -7.43 16.65 -2.22
N SER A 187 -8.45 16.22 -1.47
CA SER A 187 -9.60 15.57 -2.09
C SER A 187 -10.23 16.50 -3.11
N SER A 188 -10.46 17.73 -2.70
CA SER A 188 -11.07 18.74 -3.56
C SER A 188 -10.30 18.87 -4.88
N TYR A 189 -8.99 19.07 -4.79
CA TYR A 189 -8.16 19.22 -6.00
C TYR A 189 -8.34 18.04 -6.95
N PHE A 190 -8.21 16.83 -6.43
CA PHE A 190 -8.34 15.65 -7.25
C PHE A 190 -9.75 15.41 -7.75
N HIS A 191 -10.73 15.90 -7.00
CA HIS A 191 -12.11 15.75 -7.43
C HIS A 191 -12.28 16.59 -8.68
N ASP A 192 -11.70 17.79 -8.67
CA ASP A 192 -11.79 18.69 -9.81
C ASP A 192 -11.06 18.11 -11.02
N ARG A 193 -9.81 17.69 -10.83
CA ARG A 193 -9.02 17.12 -11.91
C ARG A 193 -9.70 15.95 -12.58
N HIS A 194 -10.17 15.00 -11.78
CA HIS A 194 -10.85 13.81 -12.32
C HIS A 194 -12.16 14.16 -13.00
N SER A 195 -12.94 15.02 -12.37
CA SER A 195 -14.21 15.46 -12.95
C SER A 195 -13.89 16.11 -14.30
N GLY A 196 -12.86 16.94 -14.31
CA GLY A 196 -12.46 17.63 -15.52
C GLY A 196 -12.13 16.65 -16.64
N ALA A 197 -11.69 15.45 -16.27
CA ALA A 197 -11.34 14.45 -17.27
C ALA A 197 -12.59 13.71 -17.71
N GLY A 198 -13.74 14.05 -17.14
CA GLY A 198 -14.97 13.40 -17.53
C GLY A 198 -15.37 12.23 -16.65
N ILE A 199 -14.68 12.07 -15.52
CA ILE A 199 -15.00 10.99 -14.60
C ILE A 199 -16.12 11.49 -13.68
N ARG A 200 -17.19 10.72 -13.58
CA ARG A 200 -18.32 11.12 -12.75
C ARG A 200 -18.14 10.58 -11.32
N MET A 201 -18.00 11.49 -10.36
CA MET A 201 -17.83 11.12 -8.96
C MET A 201 -19.17 11.04 -8.24
N HIS A 202 -19.33 10.02 -7.40
CA HIS A 202 -20.55 9.82 -6.62
C HIS A 202 -20.19 9.63 -5.16
N TYR A 203 -20.66 10.55 -4.31
CA TYR A 203 -20.35 10.47 -2.88
C TYR A 203 -21.54 10.08 -2.01
N GLY A 204 -21.25 9.65 -0.80
CA GLY A 204 -22.28 9.28 0.15
C GLY A 204 -23.09 8.04 -0.18
N VAL A 205 -22.53 7.16 -1.02
CA VAL A 205 -23.24 5.95 -1.41
C VAL A 205 -22.40 4.67 -1.36
N ARG A 206 -23.07 3.54 -1.16
CA ARG A 206 -22.45 2.22 -1.11
C ARG A 206 -23.09 1.39 -2.21
N ALA A 207 -22.39 0.34 -2.62
CA ALA A 207 -22.93 -0.58 -3.61
C ALA A 207 -23.81 -1.53 -2.79
N THR A 208 -25.03 -1.77 -3.24
CA THR A 208 -25.93 -2.67 -2.52
C THR A 208 -26.24 -3.91 -3.35
N GLU A 209 -25.85 -3.88 -4.62
CA GLU A 209 -26.10 -4.99 -5.54
C GLU A 209 -25.43 -4.72 -6.89
N ILE A 210 -25.00 -5.78 -7.56
CA ILE A 210 -24.41 -5.67 -8.88
C ILE A 210 -25.46 -6.16 -9.86
N ALA A 211 -26.04 -5.23 -10.63
CA ALA A 211 -27.06 -5.58 -11.61
C ALA A 211 -26.47 -6.38 -12.75
N ALA A 212 -27.08 -7.53 -13.03
CA ALA A 212 -26.60 -8.36 -14.11
C ALA A 212 -27.74 -8.88 -14.98
N GLU A 213 -27.36 -9.33 -16.17
CA GLU A 213 -28.28 -9.88 -17.14
C GLU A 213 -27.59 -11.17 -17.53
N GLY A 214 -28.20 -12.29 -17.18
CA GLY A 214 -27.57 -13.57 -17.45
C GLY A 214 -26.48 -13.61 -16.39
N ASP A 215 -25.24 -13.45 -16.81
CA ASP A 215 -24.12 -13.41 -15.90
C ASP A 215 -23.21 -12.28 -16.35
N ARG A 216 -23.82 -11.34 -17.07
CA ARG A 216 -23.14 -10.18 -17.59
C ARG A 216 -23.49 -8.96 -16.75
N VAL A 217 -22.47 -8.34 -16.16
CA VAL A 217 -22.69 -7.15 -15.35
C VAL A 217 -23.36 -6.09 -16.21
N THR A 218 -24.36 -5.38 -15.66
CA THR A 218 -25.01 -4.32 -16.42
C THR A 218 -25.08 -3.02 -15.63
N GLY A 219 -24.65 -3.06 -14.39
CA GLY A 219 -24.68 -1.85 -13.57
C GLY A 219 -24.44 -2.09 -12.10
N VAL A 220 -24.26 -1.02 -11.36
CA VAL A 220 -24.05 -1.11 -9.92
C VAL A 220 -25.16 -0.37 -9.19
N VAL A 221 -25.89 -1.09 -8.36
CA VAL A 221 -27.00 -0.51 -7.61
C VAL A 221 -26.44 0.15 -6.34
N LEU A 222 -26.90 1.35 -6.05
CA LEU A 222 -26.43 2.09 -4.89
C LEU A 222 -27.43 2.15 -3.74
N SER A 223 -26.94 2.55 -2.57
CA SER A 223 -27.76 2.68 -1.38
C SER A 223 -28.82 3.78 -1.47
N ASP A 224 -28.80 4.56 -2.55
CA ASP A 224 -29.83 5.58 -2.67
C ASP A 224 -30.93 5.05 -3.58
N GLY A 225 -30.82 3.78 -3.95
CA GLY A 225 -31.81 3.15 -4.81
C GLY A 225 -31.53 3.22 -6.29
N ASN A 226 -30.70 4.17 -6.69
CA ASN A 226 -30.36 4.37 -8.11
C ASN A 226 -29.36 3.33 -8.59
N THR A 227 -29.31 3.14 -9.90
CA THR A 227 -28.39 2.19 -10.49
C THR A 227 -27.52 2.86 -11.53
N LEU A 228 -26.22 2.59 -11.47
CA LEU A 228 -25.29 3.16 -12.45
C LEU A 228 -24.97 2.07 -13.46
N PRO A 229 -25.37 2.27 -14.72
CA PRO A 229 -25.08 1.25 -15.75
C PRO A 229 -23.57 1.11 -15.97
N CYS A 230 -23.14 -0.09 -16.33
CA CYS A 230 -21.73 -0.35 -16.57
C CYS A 230 -21.55 -1.79 -17.02
N ASP A 231 -20.45 -2.07 -17.73
CA ASP A 231 -20.19 -3.44 -18.17
C ASP A 231 -18.94 -3.97 -17.49
N LEU A 232 -18.37 -3.17 -16.59
CA LEU A 232 -17.19 -3.54 -15.84
C LEU A 232 -17.15 -2.87 -14.47
N VAL A 233 -16.76 -3.63 -13.46
CA VAL A 233 -16.66 -3.11 -12.10
C VAL A 233 -15.29 -3.40 -11.50
N VAL A 234 -14.68 -2.38 -10.92
CA VAL A 234 -13.38 -2.53 -10.26
C VAL A 234 -13.62 -2.13 -8.80
N VAL A 235 -13.36 -3.04 -7.88
CA VAL A 235 -13.60 -2.71 -6.48
C VAL A 235 -12.34 -2.62 -5.64
N GLY A 236 -12.30 -1.56 -4.84
CA GLY A 236 -11.18 -1.32 -3.96
C GLY A 236 -11.74 -0.77 -2.67
N VAL A 237 -12.46 -1.61 -1.95
CA VAL A 237 -13.07 -1.20 -0.68
C VAL A 237 -12.27 -1.69 0.52
N GLY A 238 -10.95 -1.61 0.43
CA GLY A 238 -10.13 -2.04 1.54
C GLY A 238 -9.49 -3.41 1.44
N VAL A 239 -8.56 -3.66 2.35
CA VAL A 239 -7.83 -4.92 2.41
C VAL A 239 -8.04 -5.57 3.77
N ILE A 240 -7.44 -6.74 3.93
CA ILE A 240 -7.49 -7.49 5.18
C ILE A 240 -6.09 -8.00 5.41
N PRO A 241 -5.44 -7.52 6.48
CA PRO A 241 -4.07 -8.00 6.76
C PRO A 241 -4.10 -9.52 6.91
N ASN A 242 -3.14 -10.21 6.30
CA ASN A 242 -3.09 -11.66 6.39
C ASN A 242 -2.49 -12.09 7.72
N VAL A 243 -3.35 -12.25 8.73
CA VAL A 243 -2.90 -12.63 10.06
C VAL A 243 -3.36 -14.02 10.48
N GLU A 244 -4.34 -14.57 9.76
CA GLU A 244 -4.92 -15.87 10.08
C GLU A 244 -3.93 -16.94 10.58
N ILE A 245 -3.00 -17.35 9.74
CA ILE A 245 -2.03 -18.36 10.11
C ILE A 245 -1.30 -18.05 11.42
N ALA A 246 -0.85 -16.81 11.59
CA ALA A 246 -0.16 -16.41 12.81
C ALA A 246 -1.07 -16.52 14.04
N ALA A 247 -2.34 -16.15 13.85
CA ALA A 247 -3.32 -16.21 14.92
C ALA A 247 -3.62 -17.67 15.25
N ALA A 248 -3.58 -18.52 14.22
CA ALA A 248 -3.84 -19.93 14.40
C ALA A 248 -2.74 -20.54 15.28
N ALA A 249 -1.57 -19.92 15.26
CA ALA A 249 -0.45 -20.41 16.06
C ALA A 249 -0.43 -19.77 17.43
N GLY A 250 -1.50 -19.08 17.79
CA GLY A 250 -1.56 -18.45 19.10
C GLY A 250 -0.91 -17.09 19.22
N LEU A 251 -0.33 -16.59 18.13
CA LEU A 251 0.31 -15.27 18.17
C LEU A 251 -0.77 -14.20 18.20
N PRO A 252 -0.64 -13.21 19.10
CA PRO A 252 -1.65 -12.14 19.20
C PRO A 252 -1.81 -11.40 17.87
N THR A 253 -3.05 -11.10 17.51
CA THR A 253 -3.33 -10.39 16.27
C THR A 253 -4.56 -9.52 16.46
N ALA A 254 -4.72 -8.57 15.55
CA ALA A 254 -5.88 -7.68 15.57
C ALA A 254 -5.91 -7.24 14.12
N ALA A 255 -5.91 -5.93 13.86
CA ALA A 255 -5.87 -5.45 12.49
C ALA A 255 -4.40 -5.51 12.06
N GLY A 256 -3.85 -6.73 12.08
CA GLY A 256 -2.46 -6.96 11.73
C GLY A 256 -1.85 -7.88 12.77
N ILE A 257 -0.64 -8.38 12.49
CA ILE A 257 0.06 -9.25 13.43
C ILE A 257 0.78 -8.35 14.43
N ILE A 258 0.43 -8.46 15.70
CA ILE A 258 1.03 -7.63 16.73
C ILE A 258 2.51 -7.89 17.01
N VAL A 259 3.28 -6.80 17.04
CA VAL A 259 4.72 -6.85 17.28
C VAL A 259 5.14 -5.62 18.11
N ASP A 260 6.26 -5.73 18.84
CA ASP A 260 6.72 -4.62 19.66
C ASP A 260 7.60 -3.64 18.88
N GLN A 261 8.29 -2.76 19.60
CA GLN A 261 9.16 -1.76 18.97
C GLN A 261 10.18 -2.34 18.00
N GLN A 262 10.59 -3.58 18.25
CA GLN A 262 11.58 -4.21 17.40
C GLN A 262 10.98 -5.13 16.36
N LEU A 263 9.67 -5.02 16.18
CA LEU A 263 8.93 -5.82 15.20
C LEU A 263 8.96 -7.31 15.51
N LEU A 264 8.99 -7.62 16.81
CA LEU A 264 9.00 -9.00 17.29
C LEU A 264 7.63 -9.36 17.86
N THR A 265 7.16 -10.56 17.56
CA THR A 265 5.89 -11.03 18.10
C THR A 265 6.14 -11.46 19.54
N SER A 266 5.14 -12.03 20.18
CA SER A 266 5.31 -12.49 21.56
C SER A 266 6.26 -13.69 21.56
N ASP A 267 6.50 -14.25 20.39
CA ASP A 267 7.40 -15.39 20.27
C ASP A 267 8.73 -15.00 19.64
N PRO A 268 9.79 -14.88 20.45
CA PRO A 268 11.05 -14.52 19.81
C PRO A 268 11.22 -15.64 18.79
N HIS A 269 12.00 -15.41 17.73
CA HIS A 269 12.20 -16.39 16.66
C HIS A 269 11.18 -16.07 15.58
N ILE A 270 10.24 -15.17 15.88
CA ILE A 270 9.22 -14.79 14.91
C ILE A 270 8.94 -13.29 14.85
N SER A 271 9.24 -12.69 13.70
CA SER A 271 9.00 -11.27 13.47
C SER A 271 7.94 -11.07 12.40
N ALA A 272 7.34 -9.88 12.39
CA ALA A 272 6.33 -9.54 11.38
C ALA A 272 6.68 -8.17 10.83
N ILE A 273 6.67 -8.03 9.50
CA ILE A 273 7.00 -6.76 8.87
C ILE A 273 6.08 -6.46 7.68
N GLY A 274 5.97 -5.17 7.34
CA GLY A 274 5.16 -4.76 6.22
C GLY A 274 3.69 -4.54 6.49
N ASP A 275 2.88 -4.66 5.45
CA ASP A 275 1.46 -4.45 5.57
C ASP A 275 0.79 -5.33 6.62
N CYS A 276 1.34 -6.51 6.87
CA CYS A 276 0.74 -7.44 7.83
C CYS A 276 1.03 -7.13 9.29
N ALA A 277 1.98 -6.23 9.53
CA ALA A 277 2.38 -5.90 10.91
C ALA A 277 1.72 -4.71 11.60
N LEU A 278 1.28 -4.95 12.83
CA LEU A 278 0.65 -3.93 13.69
C LEU A 278 1.70 -3.68 14.77
N PHE A 279 2.64 -2.79 14.48
CA PHE A 279 3.75 -2.48 15.37
C PHE A 279 3.58 -1.35 16.37
N GLU A 280 4.43 -1.39 17.38
CA GLU A 280 4.46 -0.38 18.42
C GLU A 280 5.38 0.73 17.92
N SER A 281 4.87 1.95 17.85
CA SER A 281 5.67 3.10 17.38
C SER A 281 6.15 4.04 18.48
N VAL A 282 7.45 3.99 18.77
CA VAL A 282 8.02 4.87 19.80
C VAL A 282 7.77 6.32 19.46
N ARG A 283 8.06 6.68 18.21
CA ARG A 283 7.87 8.05 17.77
C ARG A 283 6.44 8.57 17.96
N PHE A 284 5.45 7.81 17.50
CA PHE A 284 4.06 8.26 17.61
C PHE A 284 3.32 7.81 18.85
N GLY A 285 3.99 7.01 19.68
CA GLY A 285 3.38 6.53 20.91
C GLY A 285 2.06 5.80 20.75
N GLU A 286 2.01 4.89 19.78
CA GLU A 286 0.82 4.09 19.54
C GLU A 286 1.14 2.94 18.60
N THR A 287 0.26 1.94 18.58
CA THR A 287 0.44 0.78 17.73
C THR A 287 -0.33 1.05 16.44
N MET A 288 0.30 0.79 15.30
CA MET A 288 -0.34 1.05 14.01
C MET A 288 0.12 0.09 12.93
N ARG A 289 -0.60 0.10 11.82
CA ARG A 289 -0.26 -0.72 10.66
C ARG A 289 -0.14 0.28 9.51
N VAL A 290 0.95 0.21 8.76
CA VAL A 290 1.10 1.16 7.66
C VAL A 290 1.26 0.44 6.32
N GLU A 291 0.53 0.90 5.32
CA GLU A 291 0.59 0.31 3.98
C GLU A 291 1.37 1.20 3.03
N SER A 292 2.67 0.95 2.91
CA SER A 292 3.48 1.73 1.99
C SER A 292 4.80 1.02 1.74
N VAL A 293 5.41 1.31 0.60
CA VAL A 293 6.68 0.70 0.25
C VAL A 293 7.71 1.12 1.26
N GLN A 294 7.60 2.37 1.70
CA GLN A 294 8.52 2.92 2.68
C GLN A 294 8.48 2.07 3.94
N ASN A 295 7.28 1.83 4.44
CA ASN A 295 7.10 1.02 5.63
C ASN A 295 7.63 -0.40 5.48
N ALA A 296 7.33 -1.03 4.35
CA ALA A 296 7.78 -2.39 4.11
C ALA A 296 9.30 -2.44 4.08
N THR A 297 9.87 -1.47 3.38
CA THR A 297 11.31 -1.36 3.21
C THR A 297 12.06 -1.05 4.52
N ASP A 298 11.68 0.03 5.19
CA ASP A 298 12.35 0.41 6.42
C ASP A 298 12.19 -0.66 7.50
N GLN A 299 11.01 -1.26 7.55
CA GLN A 299 10.80 -2.29 8.55
C GLN A 299 11.70 -3.48 8.27
N ALA A 300 11.87 -3.81 6.98
CA ALA A 300 12.72 -4.92 6.59
C ALA A 300 14.16 -4.63 7.05
N ARG A 301 14.61 -3.40 6.81
CA ARG A 301 15.96 -3.00 7.21
C ARG A 301 16.14 -3.15 8.73
N CYS A 302 15.13 -2.71 9.48
CA CYS A 302 15.16 -2.78 10.93
C CYS A 302 15.36 -4.21 11.44
N VAL A 303 14.65 -5.16 10.84
CA VAL A 303 14.75 -6.56 11.22
C VAL A 303 16.10 -7.13 10.80
N ALA A 304 16.51 -6.85 9.57
CA ALA A 304 17.78 -7.33 9.07
C ALA A 304 18.91 -6.84 9.99
N ALA A 305 18.79 -5.60 10.43
CA ALA A 305 19.79 -5.01 11.31
C ALA A 305 19.81 -5.72 12.66
N ARG A 306 18.63 -6.11 13.14
CA ARG A 306 18.52 -6.80 14.42
C ARG A 306 19.11 -8.20 14.35
N LEU A 307 18.63 -9.00 13.41
CA LEU A 307 19.10 -10.36 13.26
C LEU A 307 20.60 -10.47 12.97
N THR A 308 21.27 -9.33 12.88
CA THR A 308 22.71 -9.33 12.61
C THR A 308 23.52 -8.54 13.63
N GLY A 309 22.91 -8.09 14.71
CA GLY A 309 23.69 -7.34 15.68
C GLY A 309 23.05 -6.20 16.44
N ASP A 310 22.74 -5.09 15.77
CA ASP A 310 22.13 -3.98 16.50
C ASP A 310 20.60 -4.00 16.45
N ALA A 311 20.01 -4.29 17.60
CA ALA A 311 18.57 -4.32 17.73
C ALA A 311 18.15 -2.94 18.17
N LYS A 312 17.40 -2.24 17.33
CA LYS A 312 16.94 -0.89 17.64
C LYS A 312 15.45 -0.74 17.41
N PRO A 313 14.82 0.22 18.09
CA PRO A 313 13.39 0.44 17.92
C PRO A 313 13.12 0.89 16.49
N TYR A 314 12.08 0.34 15.87
CA TYR A 314 11.73 0.72 14.51
C TYR A 314 11.31 2.18 14.47
N ASP A 315 11.86 2.95 13.54
CA ASP A 315 11.51 4.37 13.43
C ASP A 315 11.54 4.89 12.00
N GLY A 316 11.18 4.03 11.04
CA GLY A 316 11.17 4.47 9.66
C GLY A 316 10.14 5.58 9.54
N TYR A 317 10.55 6.79 9.18
CA TYR A 317 9.58 7.87 9.07
C TYR A 317 8.66 7.64 7.87
N PRO A 318 7.34 7.64 8.11
CA PRO A 318 6.31 7.43 7.10
C PRO A 318 6.12 8.47 6.01
N TRP A 319 6.08 8.00 4.77
CA TRP A 319 5.82 8.84 3.61
C TRP A 319 5.18 7.97 2.53
N PHE A 320 4.30 8.57 1.75
CA PHE A 320 3.60 7.84 0.71
C PHE A 320 3.52 8.68 -0.55
N TRP A 321 3.02 8.08 -1.64
CA TRP A 321 2.85 8.82 -2.89
C TRP A 321 1.76 8.15 -3.74
N SER A 322 1.27 8.88 -4.72
CA SER A 322 0.23 8.38 -5.60
C SER A 322 0.35 9.11 -6.93
N ASP A 323 0.18 8.38 -8.03
CA ASP A 323 0.28 8.98 -9.37
C ASP A 323 -1.08 8.89 -10.05
N GLN A 324 -1.80 9.99 -10.10
CA GLN A 324 -3.12 9.99 -10.72
C GLN A 324 -3.14 10.86 -11.96
N GLY A 325 -3.28 10.21 -13.11
CA GLY A 325 -3.29 10.95 -14.36
C GLY A 325 -1.95 11.62 -14.56
N ASP A 326 -1.95 12.94 -14.70
CA ASP A 326 -0.68 13.65 -14.89
C ASP A 326 -0.19 14.29 -13.60
N ASP A 327 -0.94 14.13 -12.52
CA ASP A 327 -0.58 14.71 -11.22
C ASP A 327 0.14 13.73 -10.33
N LYS A 328 1.08 14.25 -9.53
CA LYS A 328 1.85 13.44 -8.59
C LYS A 328 1.53 13.94 -7.19
N LEU A 329 1.22 13.01 -6.29
CA LEU A 329 0.89 13.34 -4.92
C LEU A 329 1.94 12.71 -4.01
N GLN A 330 2.55 13.52 -3.17
CA GLN A 330 3.54 13.01 -2.24
C GLN A 330 3.13 13.43 -0.83
N ILE A 331 3.18 12.48 0.10
CA ILE A 331 2.81 12.76 1.47
C ILE A 331 3.93 12.32 2.39
N VAL A 332 4.31 13.17 3.33
CA VAL A 332 5.32 12.80 4.31
C VAL A 332 4.74 13.11 5.68
N GLY A 333 4.68 12.09 6.53
CA GLY A 333 4.12 12.26 7.87
C GLY A 333 2.70 11.73 7.96
N LEU A 334 2.17 11.65 9.17
CA LEU A 334 0.80 11.17 9.39
C LEU A 334 -0.08 12.38 9.72
N THR A 335 -1.09 12.65 8.89
CA THR A 335 -1.97 13.80 9.11
C THR A 335 -3.24 13.59 9.95
N ALA A 336 -3.41 12.41 10.55
CA ALA A 336 -4.60 12.18 11.36
C ALA A 336 -4.67 13.17 12.52
N GLY A 337 -5.88 13.70 12.76
CA GLY A 337 -6.05 14.64 13.85
C GLY A 337 -5.66 16.07 13.51
N PHE A 338 -5.53 16.36 12.21
CA PHE A 338 -5.16 17.71 11.77
C PHE A 338 -6.21 18.72 12.21
N ASP A 339 -5.75 19.88 12.70
CA ASP A 339 -6.68 20.92 13.13
C ASP A 339 -6.39 22.26 12.43
N GLN A 340 -5.42 22.26 11.54
CA GLN A 340 -5.07 23.46 10.79
C GLN A 340 -4.30 23.10 9.54
N VAL A 341 -4.76 23.61 8.38
CA VAL A 341 -4.10 23.33 7.11
C VAL A 341 -3.77 24.63 6.37
N VAL A 342 -2.51 24.75 5.96
CA VAL A 342 -2.05 25.93 5.23
C VAL A 342 -1.64 25.53 3.82
N ILE A 343 -2.04 26.32 2.83
CA ILE A 343 -1.69 26.03 1.46
C ILE A 343 -0.45 26.80 1.04
N ARG A 344 0.53 26.10 0.47
CA ARG A 344 1.73 26.76 -0.02
C ARG A 344 1.72 26.53 -1.52
N GLY A 345 1.91 27.60 -2.28
CA GLY A 345 1.89 27.47 -3.72
C GLY A 345 0.52 27.83 -4.25
N SER A 346 0.15 27.27 -5.40
CA SER A 346 -1.14 27.58 -6.00
C SER A 346 -1.89 26.37 -6.53
N VAL A 347 -3.15 26.25 -6.11
CA VAL A 347 -4.00 25.16 -6.54
C VAL A 347 -4.29 25.35 -8.03
N ALA A 348 -4.54 26.59 -8.41
CA ALA A 348 -4.83 26.92 -9.82
C ALA A 348 -3.66 26.54 -10.72
N GLU A 349 -2.44 26.79 -10.24
CA GLU A 349 -1.24 26.47 -11.00
C GLU A 349 -0.92 24.97 -10.98
N ARG A 350 -1.72 24.20 -10.26
CA ARG A 350 -1.52 22.76 -10.16
C ARG A 350 -0.18 22.37 -9.53
N SER A 351 0.29 23.19 -8.61
CA SER A 351 1.52 22.91 -7.89
C SER A 351 1.40 23.61 -6.56
N PHE A 352 1.19 22.83 -5.51
CA PHE A 352 1.03 23.39 -4.18
C PHE A 352 1.16 22.28 -3.17
N SER A 353 1.16 22.68 -1.90
CA SER A 353 1.27 21.72 -0.81
C SER A 353 0.33 22.12 0.32
N ALA A 354 -0.16 21.12 1.05
CA ALA A 354 -1.03 21.39 2.18
C ALA A 354 -0.19 21.07 3.41
N PHE A 355 0.18 22.11 4.16
CA PHE A 355 0.96 21.91 5.37
C PHE A 355 -0.05 21.65 6.47
N CYS A 356 -0.04 20.44 6.99
CA CYS A 356 -1.00 20.07 8.03
C CYS A 356 -0.41 20.19 9.41
N TYR A 357 -1.16 20.85 10.29
CA TYR A 357 -0.75 21.05 11.67
C TYR A 357 -1.73 20.48 12.68
N LYS A 358 -1.22 20.28 13.90
CA LYS A 358 -2.02 19.80 15.01
C LYS A 358 -1.41 20.43 16.25
N ALA A 359 -2.18 21.24 16.95
CA ALA A 359 -1.70 21.92 18.16
C ALA A 359 -0.47 22.79 17.86
N GLY A 360 -0.47 23.46 16.72
CA GLY A 360 0.63 24.35 16.36
C GLY A 360 1.89 23.72 15.79
N LYS A 361 1.92 22.41 15.64
CA LYS A 361 3.10 21.71 15.13
C LYS A 361 2.83 21.01 13.81
N LEU A 362 3.77 21.16 12.87
CA LEU A 362 3.64 20.54 11.55
C LEU A 362 3.66 19.03 11.74
N ILE A 363 2.62 18.35 11.28
CA ILE A 363 2.55 16.91 11.41
C ILE A 363 2.70 16.21 10.07
N GLY A 364 2.51 16.94 8.98
CA GLY A 364 2.66 16.32 7.67
C GLY A 364 2.51 17.29 6.53
N ILE A 365 3.04 16.89 5.37
CA ILE A 365 2.95 17.71 4.17
C ILE A 365 2.46 16.87 3.01
N GLU A 366 1.39 17.34 2.37
CA GLU A 366 0.80 16.66 1.22
C GLU A 366 1.09 17.58 0.03
N SER A 367 2.01 17.15 -0.83
CA SER A 367 2.42 17.95 -1.98
C SER A 367 1.95 17.45 -3.34
N VAL A 368 1.32 18.34 -4.10
CA VAL A 368 0.85 17.99 -5.44
C VAL A 368 1.80 18.62 -6.45
N ASN A 369 2.48 17.78 -7.23
CA ASN A 369 3.44 18.25 -8.23
C ASN A 369 4.37 19.32 -7.64
N ARG A 370 4.92 19.05 -6.47
CA ARG A 370 5.80 20.01 -5.80
C ARG A 370 6.83 19.25 -4.98
N ALA A 371 7.77 18.60 -5.67
CA ALA A 371 8.81 17.81 -5.02
C ALA A 371 9.64 18.52 -3.97
N ALA A 372 9.85 19.83 -4.14
CA ALA A 372 10.66 20.58 -3.19
C ALA A 372 10.05 20.63 -1.80
N ASP A 373 8.74 20.75 -1.70
CA ASP A 373 8.10 20.80 -0.40
C ASP A 373 8.20 19.44 0.30
N HIS A 374 8.16 18.38 -0.50
CA HIS A 374 8.25 17.02 0.04
C HIS A 374 9.63 16.76 0.64
N VAL A 375 10.67 17.22 -0.05
CA VAL A 375 12.04 17.05 0.43
C VAL A 375 12.21 17.81 1.73
N PHE A 376 11.53 18.95 1.83
CA PHE A 376 11.58 19.77 3.03
C PHE A 376 11.02 18.99 4.21
N GLY A 377 9.86 18.38 4.02
CA GLY A 377 9.26 17.60 5.08
C GLY A 377 10.09 16.37 5.45
N ARG A 378 10.54 15.63 4.44
CA ARG A 378 11.35 14.42 4.66
C ARG A 378 12.59 14.70 5.51
N LYS A 379 13.07 15.93 5.49
CA LYS A 379 14.25 16.29 6.25
C LYS A 379 13.91 16.85 7.64
N ILE A 380 12.91 17.73 7.69
CA ILE A 380 12.51 18.38 8.93
C ILE A 380 11.65 17.52 9.88
N LEU A 381 10.66 16.81 9.34
CA LEU A 381 9.79 16.01 10.21
C LEU A 381 10.49 14.92 11.01
N PRO A 382 11.44 14.19 10.41
CA PRO A 382 12.08 13.17 11.23
C PRO A 382 12.81 13.78 12.43
N LEU A 383 13.29 15.01 12.25
CA LEU A 383 14.00 15.70 13.33
C LEU A 383 13.01 16.29 14.31
N ASP A 384 11.74 16.07 14.04
CA ASP A 384 10.68 16.58 14.90
C ASP A 384 10.70 18.11 14.96
N LYS A 385 11.19 18.74 13.90
CA LYS A 385 11.26 20.20 13.83
C LYS A 385 10.02 20.69 13.12
N SER A 386 9.73 21.97 13.21
CA SER A 386 8.55 22.50 12.56
C SER A 386 8.76 23.85 11.92
N VAL A 387 7.73 24.31 11.22
CA VAL A 387 7.73 25.61 10.58
C VAL A 387 6.34 26.15 10.87
N THR A 388 6.24 27.44 11.16
CA THR A 388 4.94 28.01 11.47
C THR A 388 4.03 28.07 10.25
N PRO A 389 2.71 28.09 10.48
CA PRO A 389 1.71 28.15 9.41
C PRO A 389 1.92 29.41 8.58
N GLU A 390 2.38 30.46 9.26
CA GLU A 390 2.66 31.74 8.61
C GLU A 390 3.82 31.58 7.64
N GLN A 391 4.85 30.87 8.07
CA GLN A 391 6.02 30.65 7.24
C GLN A 391 5.73 29.73 6.05
N ALA A 392 4.92 28.71 6.29
CA ALA A 392 4.56 27.75 5.26
C ALA A 392 3.88 28.41 4.07
N ALA A 393 3.03 29.39 4.35
CA ALA A 393 2.31 30.07 3.28
C ALA A 393 3.15 31.11 2.57
N ASP A 394 4.20 31.58 3.23
CA ASP A 394 5.08 32.61 2.68
C ASP A 394 6.13 32.12 1.66
N LEU A 395 5.84 32.34 0.38
CA LEU A 395 6.76 31.91 -0.68
C LEU A 395 8.11 32.60 -0.63
N SER A 396 8.27 33.58 0.25
CA SER A 396 9.55 34.27 0.38
C SER A 396 10.31 33.62 1.54
N PHE A 397 9.66 32.68 2.22
CA PHE A 397 10.30 31.96 3.31
C PHE A 397 11.05 30.81 2.65
N ASP A 398 12.37 30.83 2.77
CA ASP A 398 13.24 29.83 2.15
C ASP A 398 13.26 28.49 2.88
N LEU A 399 12.71 27.46 2.24
CA LEU A 399 12.66 26.13 2.83
C LEU A 399 14.02 25.45 2.90
N LYS A 400 14.89 25.71 1.92
CA LYS A 400 16.21 25.10 1.94
C LYS A 400 17.00 25.56 3.15
N LYS A 401 17.02 26.87 3.39
CA LYS A 401 17.75 27.39 4.53
C LYS A 401 17.14 26.86 5.82
N ALA A 402 15.82 26.77 5.85
CA ALA A 402 15.13 26.28 7.04
C ALA A 402 15.47 24.82 7.35
N ALA A 403 15.78 24.05 6.32
CA ALA A 403 16.08 22.63 6.50
C ALA A 403 17.57 22.28 6.53
N ALA A 404 18.44 23.26 6.35
CA ALA A 404 19.88 22.98 6.35
C ALA A 404 20.35 22.49 7.72
#